data_5IGN
#
_entry.id   5IGN
#
_cell.length_a   28.527
_cell.length_b   39.496
_cell.length_c   212.439
_cell.angle_alpha   90.00
_cell.angle_beta   90.00
_cell.angle_gamma   90.00
#
_symmetry.space_group_name_H-M   'P 21 21 21'
#
loop_
_entity.id
_entity.type
_entity.pdbx_description
1 polymer 'Bromodomain-containing protein 9'
2 non-polymer N-[(2R,3S)-2-(4-chlorophenyl)-1-(1,4-dimethyl-2-oxo-1,2-dihydroquinolin-7-yl)-6-oxopiperidin-3-yl]-2-methylpropane-1-sulfonamide
3 water water
#
_entity_poly.entity_id   1
_entity_poly.type   'polypeptide(L)'
_entity_poly.pdbx_seq_one_letter_code
;SMLKLSAENESTPIQQLLEHFLRQLQRKDPHGFFAFPVTDAIAPGYSMIIKHPMDFGTMKDKIVANEYKSVTEFKADFKL
MCDNAMTYNRPDTVYYKLAKKILHAGFKMMSKERLLALKRSMS
;
_entity_poly.pdbx_strand_id   A,B
#
loop_
_chem_comp.id
_chem_comp.type
_chem_comp.name
_chem_comp.formula
6B2 non-polymer N-[(2R,3S)-2-(4-chlorophenyl)-1-(1,4-dimethyl-2-oxo-1,2-dihydroquinolin-7-yl)-6-oxopiperidin-3-yl]-2-methylpropane-1-sulfonamide 'C26 H30 Cl N3 O4 S'
#
# COMPACT_ATOMS: atom_id res chain seq x y z
N SER A 11 -2.93 9.07 5.34
CA SER A 11 -1.74 8.19 5.19
C SER A 11 -0.97 8.49 3.91
N THR A 12 0.33 8.22 3.91
CA THR A 12 1.21 8.51 2.75
C THR A 12 1.52 7.22 1.99
N PRO A 13 2.06 7.34 0.76
CA PRO A 13 2.41 6.11 0.06
C PRO A 13 3.41 5.24 0.82
N ILE A 14 4.45 5.84 1.39
CA ILE A 14 5.41 5.01 2.14
C ILE A 14 4.75 4.33 3.35
N GLN A 15 3.92 5.04 4.09
CA GLN A 15 3.21 4.44 5.20
C GLN A 15 2.36 3.28 4.73
N GLN A 16 1.64 3.45 3.62
CA GLN A 16 0.86 2.36 3.10
C GLN A 16 1.67 1.13 2.67
N LEU A 17 2.83 1.35 2.04
CA LEU A 17 3.75 0.26 1.71
C LEU A 17 4.21 -0.45 2.96
N LEU A 18 4.57 0.33 3.99
CA LEU A 18 5.10 -0.32 5.18
C LEU A 18 3.99 -1.07 5.93
N GLU A 19 2.77 -0.53 5.93
CA GLU A 19 1.63 -1.22 6.55
C GLU A 19 1.37 -2.56 5.86
N HIS A 20 1.59 -2.58 4.54
CA HIS A 20 1.42 -3.81 3.76
C HIS A 20 2.43 -4.86 4.20
N PHE A 21 3.73 -4.49 4.23
CA PHE A 21 4.73 -5.42 4.71
C PHE A 21 4.41 -5.90 6.14
N LEU A 22 4.13 -4.96 7.04
CA LEU A 22 3.79 -5.34 8.41
C LEU A 22 2.62 -6.32 8.45
N ARG A 23 1.52 -6.03 7.74
CA ARG A 23 0.36 -6.91 7.75
C ARG A 23 0.71 -8.31 7.26
N GLN A 24 1.49 -8.39 6.17
CA GLN A 24 1.88 -9.69 5.64
C GLN A 24 2.73 -10.49 6.65
N LEU A 25 3.57 -9.81 7.40
CA LEU A 25 4.43 -10.51 8.42
C LEU A 25 3.59 -10.94 9.63
N GLN A 26 2.68 -10.09 10.08
CA GLN A 26 1.81 -10.46 11.22
C GLN A 26 0.88 -11.60 10.89
N ARG A 27 0.50 -11.73 9.63
CA ARG A 27 -0.32 -12.87 9.23
C ARG A 27 0.34 -14.20 9.54
N LYS A 28 1.67 -14.17 9.59
CA LYS A 28 2.41 -15.37 9.90
C LYS A 28 2.48 -15.64 11.41
N ASP A 29 2.02 -14.69 12.23
CA ASP A 29 2.04 -14.79 13.71
C ASP A 29 0.62 -14.69 14.30
N PRO A 30 -0.22 -15.69 14.01
CA PRO A 30 -1.62 -15.60 14.46
C PRO A 30 -1.83 -15.59 15.96
N HIS A 31 -0.89 -16.11 16.73
CA HIS A 31 -0.98 -16.07 18.20
C HIS A 31 -0.45 -14.79 18.78
N GLY A 32 0.15 -13.94 17.95
CA GLY A 32 0.64 -12.64 18.41
C GLY A 32 1.84 -12.80 19.37
N PHE A 33 2.67 -13.79 19.11
CA PHE A 33 3.89 -13.94 19.90
C PHE A 33 4.72 -12.67 19.85
N PHE A 34 4.75 -12.02 18.70
CA PHE A 34 5.55 -10.83 18.48
C PHE A 34 4.73 -9.54 18.45
N ALA A 35 3.52 -9.59 18.97
CA ALA A 35 2.59 -8.46 18.80
C ALA A 35 2.85 -7.29 19.74
N PHE A 36 3.46 -7.58 20.88
CA PHE A 36 3.69 -6.59 21.92
C PHE A 36 5.02 -6.84 22.63
N PRO A 37 5.55 -5.82 23.29
CA PRO A 37 6.86 -6.01 23.94
C PRO A 37 6.88 -7.16 24.96
N VAL A 38 8.01 -7.89 24.99
CA VAL A 38 8.24 -8.92 25.97
C VAL A 38 8.68 -8.31 27.28
N THR A 39 8.01 -8.65 28.37
CA THR A 39 8.42 -8.18 29.71
C THR A 39 9.28 -9.21 30.38
N ASP A 40 10.00 -8.80 31.41
CA ASP A 40 10.81 -9.76 32.17
C ASP A 40 9.96 -10.76 32.97
N ALA A 41 8.74 -10.38 33.36
CA ALA A 41 7.79 -11.29 34.05
C ALA A 41 7.44 -12.49 33.19
N ILE A 42 7.23 -12.28 31.91
CA ILE A 42 6.92 -13.41 31.03
C ILE A 42 8.18 -14.15 30.52
N ALA A 43 9.30 -13.44 30.49
CA ALA A 43 10.53 -13.95 29.89
C ALA A 43 11.64 -13.56 30.84
N PRO A 44 11.85 -14.36 31.90
CA PRO A 44 12.86 -14.03 32.91
C PRO A 44 14.20 -13.61 32.33
N GLY A 45 14.75 -12.54 32.87
CA GLY A 45 16.02 -12.01 32.42
C GLY A 45 16.07 -11.40 31.02
N TYR A 46 14.92 -11.20 30.37
CA TYR A 46 14.94 -10.76 29.00
C TYR A 46 15.78 -9.47 28.82
N SER A 47 15.54 -8.48 29.65
CA SER A 47 16.20 -7.17 29.57
C SER A 47 17.71 -7.25 29.89
N MET A 48 18.18 -8.35 30.48
CA MET A 48 19.63 -8.58 30.61
C MET A 48 20.29 -9.02 29.33
N ILE A 49 19.54 -9.68 28.45
CA ILE A 49 20.07 -10.24 27.22
C ILE A 49 19.84 -9.31 26.02
N ILE A 50 18.69 -8.66 26.04
CA ILE A 50 18.14 -7.92 24.92
C ILE A 50 18.13 -6.43 25.26
N LYS A 51 19.02 -5.72 24.64
CA LYS A 51 19.13 -4.32 24.98
C LYS A 51 18.31 -3.39 24.10
N HIS A 52 17.90 -3.85 22.93
CA HIS A 52 17.02 -3.07 22.03
C HIS A 52 15.76 -3.84 21.65
N PRO A 53 14.77 -3.88 22.54
CA PRO A 53 13.57 -4.67 22.22
C PRO A 53 12.83 -4.11 21.01
N MET A 54 12.11 -4.99 20.34
CA MET A 54 11.24 -4.56 19.27
C MET A 54 10.11 -5.58 19.11
N ASP A 55 9.00 -5.13 18.57
CA ASP A 55 7.83 -5.96 18.38
C ASP A 55 6.99 -5.31 17.30
N PHE A 56 6.06 -6.05 16.76
CA PHE A 56 5.14 -5.57 15.70
C PHE A 56 4.28 -4.38 16.12
N GLY A 57 3.83 -4.33 17.38
CA GLY A 57 3.06 -3.19 17.92
C GLY A 57 3.82 -1.89 17.84
N THR A 58 5.07 -1.92 18.31
CA THR A 58 5.97 -0.79 18.18
C THR A 58 6.22 -0.39 16.71
N MET A 59 6.41 -1.39 15.83
CA MET A 59 6.60 -1.08 14.42
C MET A 59 5.37 -0.35 13.86
N LYS A 60 4.18 -0.87 14.15
CA LYS A 60 2.96 -0.17 13.73
C LYS A 60 2.93 1.28 14.23
N ASP A 61 3.26 1.49 15.50
CA ASP A 61 3.26 2.85 16.06
C ASP A 61 4.28 3.75 15.35
N LYS A 62 5.42 3.18 14.98
CA LYS A 62 6.42 3.95 14.27
C LYS A 62 5.97 4.31 12.87
N ILE A 63 5.24 3.40 12.22
CA ILE A 63 4.67 3.75 10.91
C ILE A 63 3.69 4.92 11.07
N VAL A 64 2.79 4.80 12.04
CA VAL A 64 1.75 5.83 12.26
C VAL A 64 2.40 7.18 12.58
N ALA A 65 3.45 7.14 13.41
CA ALA A 65 4.16 8.36 13.76
C ALA A 65 5.11 8.87 12.67
N ASN A 66 5.19 8.17 11.54
CA ASN A 66 6.03 8.52 10.42
C ASN A 66 7.51 8.53 10.74
N GLU A 67 7.93 7.52 11.49
CA GLU A 67 9.30 7.42 11.98
C GLU A 67 10.17 6.51 11.16
N TYR A 68 9.68 6.07 9.99
CA TYR A 68 10.54 5.34 9.06
C TYR A 68 10.81 6.15 7.82
N LYS A 69 12.09 6.39 7.57
CA LYS A 69 12.51 7.20 6.46
C LYS A 69 12.47 6.35 5.20
N SER A 70 12.64 5.03 5.36
CA SER A 70 12.72 4.13 4.23
C SER A 70 12.27 2.72 4.58
N VAL A 71 12.16 1.89 3.55
CA VAL A 71 11.92 0.48 3.72
C VAL A 71 13.13 -0.11 4.46
N THR A 72 14.34 0.38 4.17
CA THR A 72 15.58 -0.12 4.85
C THR A 72 15.48 0.01 6.37
N GLU A 73 14.97 1.14 6.83
CA GLU A 73 14.77 1.36 8.25
C GLU A 73 13.75 0.40 8.88
N PHE A 74 12.59 0.25 8.24
CA PHE A 74 11.57 -0.70 8.66
C PHE A 74 12.11 -2.13 8.72
N LYS A 75 12.79 -2.51 7.65
CA LYS A 75 13.39 -3.82 7.54
C LYS A 75 14.37 -4.08 8.69
N ALA A 76 15.15 -3.07 9.01
CA ALA A 76 16.07 -3.14 10.18
C ALA A 76 15.36 -3.39 11.52
N ASP A 77 14.18 -2.80 11.74
CA ASP A 77 13.41 -3.09 12.97
C ASP A 77 12.88 -4.53 12.99
N PHE A 78 12.38 -4.96 11.85
CA PHE A 78 11.88 -6.33 11.67
C PHE A 78 13.02 -7.31 11.97
N LYS A 79 14.18 -7.01 11.40
CA LYS A 79 15.34 -7.88 11.60
C LYS A 79 15.71 -7.92 13.09
N LEU A 80 15.71 -6.77 13.74
CA LEU A 80 16.02 -6.65 15.14
C LEU A 80 15.07 -7.52 15.98
N MET A 81 13.76 -7.42 15.66
CA MET A 81 12.77 -8.21 16.34
C MET A 81 13.08 -9.74 16.28
N CYS A 82 13.42 -10.20 15.08
CA CYS A 82 13.70 -11.61 14.84
C CYS A 82 15.00 -11.98 15.57
N ASP A 83 16.02 -11.14 15.40
CA ASP A 83 17.30 -11.40 16.07
C ASP A 83 17.11 -11.52 17.60
N ASN A 84 16.35 -10.62 18.19
CA ASN A 84 16.13 -10.67 19.63
C ASN A 84 15.53 -12.02 20.06
N ALA A 85 14.49 -12.43 19.35
CA ALA A 85 13.85 -13.75 19.54
C ALA A 85 14.80 -14.92 19.42
N MET A 86 15.62 -14.87 18.40
CA MET A 86 16.58 -15.93 18.14
C MET A 86 17.81 -15.91 19.03
N THR A 87 18.07 -14.79 19.68
CA THR A 87 19.16 -14.69 20.65
C THR A 87 18.71 -15.13 22.05
N TYR A 88 17.54 -14.68 22.46
CA TYR A 88 17.05 -14.99 23.78
C TYR A 88 16.53 -16.38 23.92
N ASN A 89 15.72 -16.82 22.95
CA ASN A 89 15.10 -18.13 23.05
C ASN A 89 15.95 -19.22 22.47
N ARG A 90 15.81 -20.40 23.06
CA ARG A 90 16.58 -21.56 22.66
C ARG A 90 16.08 -22.08 21.30
N PRO A 91 16.96 -22.66 20.50
CA PRO A 91 16.42 -23.04 19.18
C PRO A 91 15.26 -24.02 19.13
N ASP A 92 15.01 -24.79 20.19
CA ASP A 92 13.91 -25.78 20.17
C ASP A 92 12.59 -25.19 20.65
N THR A 93 12.49 -23.87 20.65
CA THR A 93 11.31 -23.22 21.14
C THR A 93 10.50 -22.68 19.99
N VAL A 94 9.22 -22.56 20.26
CA VAL A 94 8.29 -21.99 19.28
C VAL A 94 8.67 -20.58 18.86
N TYR A 95 9.14 -19.79 19.81
CA TYR A 95 9.55 -18.43 19.56
C TYR A 95 10.73 -18.32 18.55
N TYR A 96 11.80 -19.09 18.79
CA TYR A 96 12.91 -19.14 17.90
C TYR A 96 12.48 -19.61 16.54
N LYS A 97 11.76 -20.72 16.50
CA LYS A 97 11.40 -21.27 15.20
C LYS A 97 10.51 -20.35 14.38
N LEU A 98 9.56 -19.69 15.03
CA LEU A 98 8.68 -18.77 14.30
C LEU A 98 9.45 -17.50 13.84
N ALA A 99 10.33 -16.94 14.69
CA ALA A 99 11.15 -15.81 14.32
C ALA A 99 11.98 -16.13 13.06
N LYS A 100 12.55 -17.34 12.99
CA LYS A 100 13.36 -17.73 11.83
C LYS A 100 12.50 -17.79 10.56
N LYS A 101 11.33 -18.39 10.69
CA LYS A 101 10.38 -18.52 9.57
C LYS A 101 9.98 -17.14 9.06
N ILE A 102 9.65 -16.26 10.00
CA ILE A 102 9.23 -14.91 9.69
C ILE A 102 10.37 -14.07 9.09
N LEU A 103 11.57 -14.20 9.65
CA LEU A 103 12.72 -13.53 9.10
C LEU A 103 12.90 -13.86 7.61
N HIS A 104 12.87 -15.13 7.29
CA HIS A 104 13.13 -15.54 5.93
C HIS A 104 12.04 -14.97 5.05
N ALA A 105 10.81 -15.05 5.53
CA ALA A 105 9.72 -14.54 4.68
C ALA A 105 9.88 -13.02 4.44
N GLY A 106 10.25 -12.30 5.47
CA GLY A 106 10.52 -10.87 5.35
C GLY A 106 11.65 -10.47 4.44
N PHE A 107 12.72 -11.25 4.50
CA PHE A 107 13.88 -11.06 3.65
C PHE A 107 13.47 -11.30 2.20
N LYS A 108 12.62 -12.28 1.92
CA LYS A 108 12.15 -12.47 0.56
C LYS A 108 11.28 -11.28 0.09
N MET A 109 10.43 -10.79 0.97
CA MET A 109 9.44 -9.80 0.61
C MET A 109 10.06 -8.42 0.41
N MET A 110 11.11 -8.12 1.18
CA MET A 110 11.75 -6.81 1.16
C MET A 110 13.17 -6.82 0.59
N SER A 111 13.45 -7.74 -0.33
CA SER A 111 14.77 -7.84 -0.91
C SER A 111 15.02 -6.65 -1.83
N LYS A 112 16.30 -6.38 -2.05
CA LYS A 112 16.65 -5.27 -2.95
C LYS A 112 16.05 -5.51 -4.35
N GLU A 113 16.08 -6.77 -4.76
CA GLU A 113 15.54 -7.16 -6.04
C GLU A 113 14.05 -6.82 -6.15
N ARG A 114 13.28 -7.17 -5.11
CA ARG A 114 11.85 -6.83 -5.08
C ARG A 114 11.63 -5.33 -5.14
N LEU A 115 12.46 -4.60 -4.40
CA LEU A 115 12.30 -3.16 -4.32
C LEU A 115 12.71 -2.46 -5.64
N LEU A 116 13.73 -2.98 -6.34
CA LEU A 116 14.10 -2.45 -7.69
C LEU A 116 12.91 -2.66 -8.63
N ALA A 117 12.31 -3.84 -8.57
CA ALA A 117 11.17 -4.14 -9.44
C ALA A 117 9.99 -3.20 -9.17
N LEU A 118 9.72 -2.97 -7.89
CA LEU A 118 8.67 -2.06 -7.49
C LEU A 118 8.93 -0.64 -7.97
N LYS A 119 10.19 -0.20 -7.89
CA LYS A 119 10.54 1.13 -8.36
C LYS A 119 10.38 1.23 -9.87
N ARG A 120 10.65 0.16 -10.60
CA ARG A 120 10.49 0.18 -12.05
C ARG A 120 9.04 0.39 -12.37
N SER A 121 8.17 -0.20 -11.58
CA SER A 121 6.71 -0.10 -11.84
C SER A 121 6.16 1.28 -11.44
N MET A 122 6.91 2.07 -10.67
CA MET A 122 6.55 3.47 -10.40
C MET A 122 7.05 4.47 -11.43
N SER A 123 6.70 4.20 -12.67
CA SER A 123 7.03 5.03 -13.81
C SER A 123 5.76 4.99 -14.64
N SER B 11 -1.99 -10.22 -1.70
CA SER B 11 -1.62 -8.93 -2.33
C SER B 11 -0.11 -8.64 -2.41
N THR B 12 0.24 -7.60 -3.16
CA THR B 12 1.60 -7.25 -3.57
C THR B 12 1.83 -5.76 -3.33
N PRO B 13 3.09 -5.30 -3.24
CA PRO B 13 3.37 -3.87 -3.06
C PRO B 13 2.80 -2.91 -4.12
N ILE B 14 3.03 -3.18 -5.41
CA ILE B 14 2.45 -2.34 -6.50
C ILE B 14 0.94 -2.26 -6.34
N GLN B 15 0.28 -3.37 -6.01
CA GLN B 15 -1.17 -3.37 -5.85
C GLN B 15 -1.61 -2.49 -4.67
N GLN B 16 -0.86 -2.52 -3.56
CA GLN B 16 -1.17 -1.69 -2.41
C GLN B 16 -0.97 -0.21 -2.67
N LEU B 17 0.02 0.15 -3.48
CA LEU B 17 0.25 1.55 -3.75
C LEU B 17 -0.85 2.04 -4.66
N LEU B 18 -1.19 1.21 -5.65
CA LEU B 18 -2.30 1.63 -6.54
C LEU B 18 -3.62 1.70 -5.78
N GLU B 19 -3.86 0.79 -4.83
CA GLU B 19 -5.08 0.86 -4.00
C GLU B 19 -5.09 2.15 -3.19
N HIS B 20 -3.91 2.53 -2.70
CA HIS B 20 -3.77 3.81 -2.02
C HIS B 20 -4.12 4.99 -2.91
N PHE B 21 -3.55 5.06 -4.10
CA PHE B 21 -3.82 6.17 -5.02
C PHE B 21 -5.34 6.19 -5.33
N LEU B 22 -5.89 5.00 -5.56
CA LEU B 22 -7.34 4.88 -5.84
C LEU B 22 -8.18 5.40 -4.69
N ARG B 23 -7.82 5.02 -3.46
CA ARG B 23 -8.58 5.42 -2.31
C ARG B 23 -8.53 6.96 -2.18
N GLN B 24 -7.37 7.53 -2.46
CA GLN B 24 -7.20 8.99 -2.33
C GLN B 24 -8.06 9.73 -3.38
N LEU B 25 -8.14 9.18 -4.59
CA LEU B 25 -8.97 9.78 -5.64
C LEU B 25 -10.46 9.62 -5.34
N GLN B 26 -10.84 8.42 -4.90
CA GLN B 26 -12.25 8.13 -4.62
C GLN B 26 -12.78 8.96 -3.45
N ARG B 27 -11.90 9.31 -2.49
CA ARG B 27 -12.28 10.23 -1.40
C ARG B 27 -12.76 11.61 -1.91
N LYS B 28 -12.30 12.00 -3.10
CA LYS B 28 -12.74 13.24 -3.72
C LYS B 28 -14.11 13.12 -4.41
N ASP B 29 -14.66 11.92 -4.51
CA ASP B 29 -16.00 11.65 -5.09
C ASP B 29 -16.96 11.02 -4.02
N PRO B 30 -17.30 11.78 -2.96
CA PRO B 30 -18.09 11.16 -1.90
C PRO B 30 -19.50 10.75 -2.33
N HIS B 31 -20.04 11.39 -3.35
CA HIS B 31 -21.33 10.94 -3.91
C HIS B 31 -21.23 9.63 -4.67
N GLY B 32 -20.02 9.21 -4.99
CA GLY B 32 -19.90 8.05 -5.80
C GLY B 32 -20.31 8.19 -7.26
N PHE B 33 -20.19 9.38 -7.83
CA PHE B 33 -20.51 9.60 -9.26
C PHE B 33 -19.81 8.59 -10.16
N PHE B 34 -18.54 8.32 -9.81
CA PHE B 34 -17.65 7.52 -10.65
C PHE B 34 -17.35 6.13 -10.06
N ALA B 35 -18.22 5.69 -9.13
CA ALA B 35 -17.98 4.45 -8.38
C ALA B 35 -18.13 3.20 -9.21
N PHE B 36 -19.07 3.26 -10.15
CA PHE B 36 -19.52 2.09 -10.92
C PHE B 36 -19.90 2.54 -12.34
N PRO B 37 -19.95 1.62 -13.33
CA PRO B 37 -20.24 1.99 -14.72
C PRO B 37 -21.54 2.77 -14.92
N VAL B 38 -21.44 3.75 -15.80
CA VAL B 38 -22.63 4.52 -16.20
C VAL B 38 -23.44 3.66 -17.16
N THR B 39 -24.76 3.61 -17.03
CA THR B 39 -25.55 2.88 -17.98
C THR B 39 -26.39 3.83 -18.77
N ASP B 40 -26.93 3.32 -19.87
CA ASP B 40 -27.88 4.10 -20.68
C ASP B 40 -29.18 4.41 -19.95
N ALA B 41 -29.58 3.53 -19.02
CA ALA B 41 -30.72 3.80 -18.18
C ALA B 41 -30.57 5.12 -17.44
N ILE B 42 -29.41 5.37 -16.88
CA ILE B 42 -29.23 6.64 -16.14
C ILE B 42 -28.77 7.81 -17.02
N ALA B 43 -28.09 7.50 -18.11
CA ALA B 43 -27.48 8.50 -19.01
C ALA B 43 -27.84 8.12 -20.45
N PRO B 44 -29.01 8.59 -20.92
CA PRO B 44 -29.40 8.17 -22.25
C PRO B 44 -28.34 8.52 -23.30
N GLY B 45 -28.08 7.58 -24.19
CA GLY B 45 -27.11 7.76 -25.24
C GLY B 45 -25.68 7.45 -24.85
N TYR B 46 -25.44 7.08 -23.57
CA TYR B 46 -24.05 6.90 -23.08
C TYR B 46 -23.24 5.94 -23.91
N SER B 47 -23.80 4.78 -24.21
CA SER B 47 -23.18 3.77 -25.09
C SER B 47 -22.83 4.30 -26.49
N MET B 48 -23.61 5.25 -26.98
CA MET B 48 -23.40 5.80 -28.31
C MET B 48 -22.22 6.73 -28.41
N ILE B 49 -21.88 7.31 -27.27
CA ILE B 49 -20.92 8.38 -27.17
C ILE B 49 -19.62 7.91 -26.51
N ILE B 50 -19.74 6.90 -25.67
CA ILE B 50 -18.60 6.44 -24.83
C ILE B 50 -18.32 4.99 -25.11
N LYS B 51 -17.29 4.75 -25.91
CA LYS B 51 -16.92 3.39 -26.32
C LYS B 51 -15.88 2.74 -25.46
N HIS B 52 -15.25 3.50 -24.59
CA HIS B 52 -14.18 3.02 -23.72
C HIS B 52 -14.51 3.35 -22.27
N PRO B 53 -15.57 2.75 -21.71
CA PRO B 53 -16.04 3.10 -20.37
C PRO B 53 -15.03 2.76 -19.28
N MET B 54 -14.99 3.57 -18.25
CA MET B 54 -14.16 3.28 -17.09
C MET B 54 -14.80 3.86 -15.85
N ASP B 55 -14.48 3.28 -14.69
CA ASP B 55 -15.03 3.73 -13.41
C ASP B 55 -14.12 3.20 -12.32
N PHE B 56 -14.29 3.73 -11.12
CA PHE B 56 -13.40 3.33 -9.99
C PHE B 56 -13.53 1.88 -9.59
N GLY B 57 -14.73 1.29 -9.68
CA GLY B 57 -14.92 -0.15 -9.33
C GLY B 57 -14.14 -1.06 -10.26
N THR B 58 -14.23 -0.77 -11.56
CA THR B 58 -13.50 -1.49 -12.58
C THR B 58 -12.01 -1.37 -12.30
N MET B 59 -11.54 -0.17 -11.95
CA MET B 59 -10.13 0.05 -11.69
C MET B 59 -9.71 -0.77 -10.47
N LYS B 60 -10.51 -0.77 -9.42
CA LYS B 60 -10.28 -1.67 -8.27
C LYS B 60 -10.16 -3.16 -8.64
N ASP B 61 -11.07 -3.65 -9.46
CA ASP B 61 -11.01 -5.04 -9.98
C ASP B 61 -9.73 -5.28 -10.76
N LYS B 62 -9.30 -4.30 -11.57
CA LYS B 62 -8.06 -4.39 -12.32
C LYS B 62 -6.80 -4.40 -11.46
N ILE B 63 -6.80 -3.61 -10.40
CA ILE B 63 -5.72 -3.68 -9.42
C ILE B 63 -5.67 -5.06 -8.74
N VAL B 64 -6.82 -5.55 -8.28
CA VAL B 64 -6.93 -6.87 -7.62
C VAL B 64 -6.41 -8.00 -8.53
N ALA B 65 -6.75 -7.96 -9.81
CA ALA B 65 -6.22 -8.96 -10.78
C ALA B 65 -4.79 -8.68 -11.27
N ASN B 66 -4.14 -7.67 -10.69
CA ASN B 66 -2.79 -7.24 -11.05
C ASN B 66 -2.64 -6.90 -12.53
N GLU B 67 -3.64 -6.23 -13.12
CA GLU B 67 -3.57 -5.92 -14.55
C GLU B 67 -2.82 -4.65 -14.84
N TYR B 68 -2.48 -3.87 -13.81
CA TYR B 68 -1.70 -2.69 -14.04
C TYR B 68 -0.25 -3.01 -13.73
N LYS B 69 0.59 -2.92 -14.77
CA LYS B 69 2.04 -3.21 -14.63
C LYS B 69 2.87 -1.99 -14.20
N SER B 70 2.29 -0.80 -14.31
CA SER B 70 2.92 0.42 -13.87
C SER B 70 1.86 1.41 -13.41
N VAL B 71 2.34 2.47 -12.77
CA VAL B 71 1.51 3.62 -12.40
C VAL B 71 1.01 4.32 -13.68
N THR B 72 1.85 4.41 -14.71
CA THR B 72 1.43 4.96 -16.01
C THR B 72 0.16 4.25 -16.53
N GLU B 73 0.14 2.93 -16.45
CA GLU B 73 -1.03 2.17 -16.90
C GLU B 73 -2.26 2.51 -16.06
N PHE B 74 -2.06 2.69 -14.75
CA PHE B 74 -3.17 3.01 -13.84
C PHE B 74 -3.65 4.42 -14.12
N LYS B 75 -2.70 5.33 -14.31
CA LYS B 75 -3.08 6.72 -14.60
C LYS B 75 -3.88 6.84 -15.87
N ALA B 76 -3.54 6.03 -16.87
CA ALA B 76 -4.26 6.09 -18.15
C ALA B 76 -5.73 5.75 -17.97
N ASP B 77 -6.02 4.75 -17.14
CA ASP B 77 -7.44 4.39 -16.90
C ASP B 77 -8.14 5.50 -16.12
N PHE B 78 -7.41 6.09 -15.21
CA PHE B 78 -7.97 7.18 -14.42
C PHE B 78 -8.31 8.38 -15.32
N LYS B 79 -7.39 8.71 -16.22
CA LYS B 79 -7.61 9.81 -17.17
C LYS B 79 -8.78 9.46 -18.08
N LEU B 80 -8.87 8.19 -18.47
CA LEU B 80 -9.94 7.76 -19.35
C LEU B 80 -11.31 7.98 -18.68
N MET B 81 -11.43 7.57 -17.41
CA MET B 81 -12.66 7.80 -16.67
C MET B 81 -13.01 9.29 -16.67
N CYS B 82 -12.03 10.15 -16.38
CA CYS B 82 -12.31 11.59 -16.31
C CYS B 82 -12.68 12.12 -17.70
N ASP B 83 -11.96 11.68 -18.72
CA ASP B 83 -12.22 12.10 -20.09
C ASP B 83 -13.62 11.68 -20.52
N ASN B 84 -14.06 10.46 -20.18
CA ASN B 84 -15.42 10.08 -20.53
C ASN B 84 -16.47 10.94 -19.89
N ALA B 85 -16.26 11.31 -18.63
CA ALA B 85 -17.24 12.16 -17.95
C ALA B 85 -17.26 13.54 -18.61
N MET B 86 -16.10 14.09 -18.96
CA MET B 86 -16.09 15.38 -19.61
C MET B 86 -16.56 15.33 -21.07
N THR B 87 -16.53 14.15 -21.69
CA THR B 87 -16.97 13.99 -23.08
C THR B 87 -18.54 13.89 -23.16
N TYR B 88 -19.12 13.06 -22.30
CA TYR B 88 -20.57 12.83 -22.35
C TYR B 88 -21.32 13.98 -21.79
N ASN B 89 -20.87 14.48 -20.66
CA ASN B 89 -21.52 15.60 -19.95
C ASN B 89 -21.05 16.98 -20.40
N ARG B 90 -21.93 17.97 -20.37
CA ARG B 90 -21.49 19.32 -20.64
C ARG B 90 -20.86 20.01 -19.41
N PRO B 91 -20.11 21.10 -19.64
CA PRO B 91 -19.27 21.71 -18.59
C PRO B 91 -20.05 22.38 -17.47
N ASP B 92 -21.35 22.58 -17.68
CA ASP B 92 -22.22 23.06 -16.58
C ASP B 92 -22.88 21.98 -15.72
N THR B 93 -22.32 20.76 -15.65
CA THR B 93 -22.91 19.68 -14.90
C THR B 93 -21.96 19.35 -13.75
N VAL B 94 -22.51 18.78 -12.69
CA VAL B 94 -21.71 18.37 -11.54
C VAL B 94 -20.67 17.35 -12.00
N TYR B 95 -21.03 16.51 -12.95
CA TYR B 95 -20.14 15.44 -13.37
C TYR B 95 -18.84 15.94 -14.05
N TYR B 96 -19.00 16.91 -14.96
CA TYR B 96 -17.89 17.48 -15.68
C TYR B 96 -16.99 18.19 -14.68
N LYS B 97 -17.61 19.00 -13.81
CA LYS B 97 -16.82 19.81 -12.90
C LYS B 97 -15.97 18.95 -11.97
N LEU B 98 -16.57 17.91 -11.44
CA LEU B 98 -15.82 17.00 -10.54
C LEU B 98 -14.72 16.22 -11.29
N ALA B 99 -15.06 15.76 -12.49
CA ALA B 99 -14.07 15.01 -13.26
C ALA B 99 -12.84 15.87 -13.52
N LYS B 100 -13.06 17.15 -13.88
CA LYS B 100 -11.94 18.07 -14.12
C LYS B 100 -11.09 18.24 -12.84
N LYS B 101 -11.76 18.43 -11.71
CA LYS B 101 -11.05 18.60 -10.45
C LYS B 101 -10.21 17.38 -10.11
N ILE B 102 -10.82 16.21 -10.16
CA ILE B 102 -10.12 14.98 -9.75
C ILE B 102 -9.03 14.60 -10.75
N LEU B 103 -9.22 14.95 -12.02
CA LEU B 103 -8.17 14.82 -13.00
C LEU B 103 -6.92 15.59 -12.62
N HIS B 104 -7.10 16.86 -12.25
CA HIS B 104 -5.99 17.67 -11.75
C HIS B 104 -5.35 17.00 -10.51
N ALA B 105 -6.17 16.61 -9.52
CA ALA B 105 -5.63 15.98 -8.28
C ALA B 105 -4.82 14.73 -8.56
N GLY B 106 -5.31 13.88 -9.45
CA GLY B 106 -4.57 12.68 -9.80
C GLY B 106 -3.25 12.93 -10.50
N PHE B 107 -3.21 13.87 -11.46
CA PHE B 107 -1.96 14.23 -12.10
C PHE B 107 -0.94 14.76 -11.09
N LYS B 108 -1.39 15.53 -10.12
CA LYS B 108 -0.47 16.06 -9.07
C LYS B 108 0.06 14.91 -8.17
N MET B 109 -0.88 14.12 -7.64
CA MET B 109 -0.59 12.94 -6.81
C MET B 109 0.35 11.92 -7.46
N MET B 110 0.29 11.73 -8.76
CA MET B 110 1.06 10.70 -9.44
C MET B 110 2.05 11.26 -10.46
N SER B 111 2.51 12.49 -10.24
CA SER B 111 3.45 13.16 -11.13
C SER B 111 4.83 12.51 -11.02
N LYS B 112 5.70 12.77 -11.99
CA LYS B 112 7.12 12.33 -11.90
C LYS B 112 7.75 12.67 -10.55
N GLU B 113 7.60 13.93 -10.14
CA GLU B 113 8.22 14.46 -8.93
C GLU B 113 7.79 13.69 -7.68
N ARG B 114 6.49 13.37 -7.61
CA ARG B 114 5.96 12.60 -6.48
C ARG B 114 6.43 11.16 -6.48
N LEU B 115 6.49 10.57 -7.67
CA LEU B 115 6.90 9.18 -7.82
C LEU B 115 8.39 9.07 -7.47
N LEU B 116 9.15 10.10 -7.80
CA LEU B 116 10.56 10.15 -7.42
C LEU B 116 10.81 10.16 -5.90
N ALA B 117 10.02 10.92 -5.14
CA ALA B 117 10.16 10.92 -3.67
C ALA B 117 9.80 9.57 -3.08
N LEU B 118 8.73 8.97 -3.60
CA LEU B 118 8.40 7.62 -3.16
C LEU B 118 9.55 6.64 -3.45
N LYS B 119 10.15 6.76 -4.64
CA LYS B 119 11.29 5.91 -5.03
C LYS B 119 12.46 6.01 -4.04
N ARG B 120 12.69 7.22 -3.54
CA ARG B 120 13.73 7.48 -2.52
C ARG B 120 13.50 6.63 -1.29
N SER B 121 12.26 6.60 -0.84
CA SER B 121 11.90 5.88 0.36
C SER B 121 11.94 4.36 0.16
N MET B 122 12.03 3.90 -1.08
CA MET B 122 12.31 2.51 -1.36
C MET B 122 13.79 2.21 -1.62
N SER B 123 14.64 3.23 -1.53
CA SER B 123 16.08 3.09 -1.83
C SER B 123 16.96 3.14 -0.57
CAK 6B2 C . 9.11 -16.28 26.88
CAJ 6B2 C . 8.86 -15.55 25.68
CAI 6B2 C . 9.86 -15.08 24.85
CAH 6B2 C . 9.63 -14.41 23.65
OAL 6B2 C . 10.53 -14.02 22.91
NAG 6B2 C . 8.32 -14.19 23.26
CAM 6B2 C . 8.11 -13.43 21.97
CAD 6B2 C . 7.31 -14.59 24.07
CAC 6B2 C . 5.93 -14.42 23.70
CAE 6B2 C . 7.54 -15.29 25.27
CAF 6B2 C . 6.51 -15.74 26.06
CAA 6B2 C . 5.18 -15.54 25.69
CAB 6B2 C . 4.92 -14.89 24.49
NAN 6B2 C . 3.57 -14.70 24.10
CAO 6B2 C . 2.83 -15.80 23.90
OAT 6B2 C . 3.32 -16.92 24.12
CAP 6B2 C . 1.47 -15.76 23.44
CAQ 6B2 C . 1.16 -14.44 22.74
CAR 6B2 C . 1.57 -13.25 23.59
NBA 6B2 C . 1.28 -12.01 22.94
SBC 6B2 C . -0.06 -11.23 23.45
OBE 6B2 C . 0.11 -9.83 22.97
OBF 6B2 C . -0.08 -11.03 24.98
CBD 6B2 C . -1.52 -12.18 23.03
CBG 6B2 C . -2.08 -11.54 21.72
CBI 6B2 C . -2.61 -10.12 21.95
CBH 6B2 C . -3.17 -12.45 21.05
CAS 6B2 C . 3.14 -13.29 23.82
CAU 6B2 C . 3.44 -12.32 24.82
CAV 6B2 C . 4.07 -11.12 24.42
CAW 6B2 C . 4.29 -10.13 25.39
CAX 6B2 C . 3.92 -10.42 26.73
CL 6B2 C . 4.23 -9.26 27.97
CAY 6B2 C . 3.33 -11.62 27.13
CAZ 6B2 C . 3.05 -12.58 26.14
CAK 6B2 D . -25.98 11.09 -16.26
CAJ 6B2 D . -24.70 10.70 -15.64
CAI 6B2 D . -23.53 10.84 -16.37
CAH 6B2 D . -22.31 10.44 -15.73
OAL 6B2 D . -21.27 10.55 -16.36
NAG 6B2 D . -22.32 9.99 -14.45
CAM 6B2 D . -21.00 9.64 -13.83
CAD 6B2 D . -23.45 9.88 -13.71
CAC 6B2 D . -23.49 9.41 -12.39
CAE 6B2 D . -24.68 10.23 -14.32
CAF 6B2 D . -25.80 10.08 -13.50
CAA 6B2 D . -25.82 9.62 -12.21
CAB 6B2 D . -24.63 9.27 -11.60
NAN 6B2 D . -24.60 8.88 -10.30
CAO 6B2 D . -24.91 9.82 -9.35
OAT 6B2 D . -25.36 10.94 -9.73
CAP 6B2 D . -24.93 9.54 -7.96
CAQ 6B2 D . -24.01 8.38 -7.57
CAR 6B2 D . -24.26 7.16 -8.53
NBA 6B2 D . -23.36 6.04 -8.18
SBC 6B2 D . -23.90 4.77 -7.40
OBE 6B2 D . -22.88 3.69 -7.73
OBF 6B2 D . -25.32 4.43 -7.85
CBD 6B2 D . -24.15 5.04 -5.66
CBG 6B2 D . -22.85 5.33 -4.99
CBI 6B2 D . -21.89 4.10 -4.94
CBH 6B2 D . -23.20 5.85 -3.59
CAS 6B2 D . -24.07 7.57 -9.95
CAU 6B2 D . -24.60 6.53 -10.83
CAV 6B2 D . -23.73 5.80 -11.65
CAW 6B2 D . -24.23 4.77 -12.45
CAX 6B2 D . -25.60 4.57 -12.46
CL 6B2 D . -26.31 3.30 -13.43
CAY 6B2 D . -26.46 5.27 -11.63
CAZ 6B2 D . -25.98 6.31 -10.85
#